data_4KA4
#
_entry.id   4KA4
#
_cell.length_a   53.647
_cell.length_b   63.208
_cell.length_c   94.541
_cell.angle_alpha   90.00
_cell.angle_beta   90.00
_cell.angle_gamma   90.00
#
_symmetry.space_group_name_H-M   'P 21 21 21'
#
loop_
_entity.id
_entity.type
_entity.pdbx_description
1 polymer 'Z-DNA-binding protein 1'
2 polymer "DNA (5'-D(*TP*CP*GP*CP*GP*CP*G)-3')"
3 water water
#
loop_
_entity_poly.entity_id
_entity_poly.type
_entity_poly.pdbx_seq_one_letter_code
_entity_poly.pdbx_strand_id
1 'polypeptide(L)' TIPETPGPQFSQQREEDIYRFLKDNGPQRALVIAQALGMRTAKDVNRDLYRMKSRHLLDMDEQSKAWTIY A,B,D,E
2 'polydeoxyribonucleotide' (DT)(DC)(DG)(DC)(DG)(DC)(DG) C,F,G,H
#
loop_
_chem_comp.id
_chem_comp.type
_chem_comp.name
_chem_comp.formula
DC DNA linking 2'-DEOXYCYTIDINE-5'-MONOPHOSPHATE 'C9 H14 N3 O7 P'
DG DNA linking 2'-DEOXYGUANOSINE-5'-MONOPHOSPHATE 'C10 H14 N5 O7 P'
DT DNA linking THYMIDINE-5'-MONOPHOSPHATE 'C10 H15 N2 O8 P'
#
# COMPACT_ATOMS: atom_id res chain seq x y z
N PHE A 10 2.32 21.38 6.73
CA PHE A 10 3.46 22.20 7.14
C PHE A 10 3.53 22.34 8.64
N SER A 11 4.66 21.96 9.22
CA SER A 11 4.86 22.05 10.67
C SER A 11 6.33 22.18 11.08
N GLN A 12 6.91 23.37 10.97
CA GLN A 12 6.25 24.53 10.38
C GLN A 12 7.20 25.17 9.36
N GLN A 13 8.45 25.32 9.77
CA GLN A 13 9.52 25.73 8.85
C GLN A 13 10.17 24.50 8.25
N ARG A 14 9.49 23.36 8.38
CA ARG A 14 9.91 22.06 7.83
C ARG A 14 10.58 22.14 6.45
N GLU A 15 10.10 23.07 5.63
CA GLU A 15 10.70 23.34 4.32
C GLU A 15 12.18 23.71 4.45
N GLU A 16 12.54 24.30 5.59
CA GLU A 16 13.94 24.65 5.84
C GLU A 16 14.75 23.40 6.11
N ASP A 17 14.21 22.51 6.94
CA ASP A 17 14.83 21.21 7.19
C ASP A 17 14.92 20.40 5.91
N ILE A 18 13.83 20.35 5.16
CA ILE A 18 13.81 19.68 3.87
C ILE A 18 14.93 20.22 2.98
N TYR A 19 15.10 21.53 2.99
CA TYR A 19 16.11 22.18 2.17
C TYR A 19 17.52 21.78 2.59
N ARG A 20 17.73 21.58 3.89
CA ARG A 20 19.04 21.18 4.40
C ARG A 20 19.37 19.75 4.01
N PHE A 21 18.37 18.88 4.05
CA PHE A 21 18.56 17.47 3.71
C PHE A 21 18.95 17.30 2.24
N LEU A 22 18.20 17.95 1.35
CA LEU A 22 18.46 17.85 -0.08
C LEU A 22 19.78 18.52 -0.45
N LYS A 23 20.16 19.54 0.31
CA LYS A 23 21.40 20.25 0.07
C LYS A 23 22.61 19.39 0.46
N ASP A 24 22.42 18.58 1.50
CA ASP A 24 23.52 17.77 2.03
C ASP A 24 23.54 16.35 1.47
N ASN A 25 22.42 15.90 0.93
CA ASN A 25 22.31 14.52 0.45
C ASN A 25 21.98 14.42 -1.04
N GLY A 26 21.85 15.56 -1.70
CA GLY A 26 21.55 15.59 -3.12
C GLY A 26 20.12 15.20 -3.43
N PRO A 27 19.82 14.93 -4.72
CA PRO A 27 18.49 14.56 -5.19
C PRO A 27 17.95 13.30 -4.54
N GLN A 28 16.81 13.41 -3.86
CA GLN A 28 16.19 12.27 -3.20
C GLN A 28 14.69 12.25 -3.43
N ARG A 29 14.10 11.05 -3.41
CA ARG A 29 12.67 10.90 -3.55
C ARG A 29 11.96 11.35 -2.28
N ALA A 30 10.66 11.60 -2.39
CA ALA A 30 9.88 12.14 -1.27
C ALA A 30 9.85 11.21 -0.06
N LEU A 31 9.87 9.91 -0.31
CA LEU A 31 9.82 8.92 0.76
C LEU A 31 11.07 8.97 1.64
N VAL A 32 12.23 9.15 1.01
CA VAL A 32 13.49 9.23 1.74
C VAL A 32 13.55 10.50 2.59
N ILE A 33 13.04 11.60 2.03
CA ILE A 33 13.02 12.89 2.73
C ILE A 33 12.19 12.80 4.00
N ALA A 34 11.02 12.18 3.89
CA ALA A 34 10.10 12.06 5.03
C ALA A 34 10.68 11.19 6.13
N GLN A 35 11.31 10.08 5.74
CA GLN A 35 11.91 9.16 6.70
C GLN A 35 13.11 9.78 7.40
N ALA A 36 13.80 10.66 6.69
CA ALA A 36 14.97 11.34 7.25
C ALA A 36 14.56 12.45 8.22
N LEU A 37 13.27 12.78 8.22
CA LEU A 37 12.75 13.81 9.10
C LEU A 37 11.85 13.23 10.18
N GLY A 38 11.85 11.91 10.30
CA GLY A 38 11.11 11.24 11.36
C GLY A 38 9.72 10.77 10.97
N MET A 39 9.31 11.11 9.74
CA MET A 39 7.98 10.75 9.27
C MET A 39 7.98 9.40 8.55
N ARG A 40 6.81 8.95 8.12
CA ARG A 40 6.67 7.62 7.56
C ARG A 40 6.56 7.59 6.04
N THR A 41 5.53 8.24 5.50
CA THR A 41 5.24 8.17 4.07
C THR A 41 5.56 9.46 3.33
N ALA A 42 5.54 9.38 2.00
CA ALA A 42 5.85 10.53 1.15
C ALA A 42 4.72 11.57 1.18
N LYS A 43 3.55 11.14 1.61
CA LYS A 43 2.39 12.02 1.69
C LYS A 43 2.57 13.06 2.80
N ASP A 44 3.46 12.76 3.74
CA ASP A 44 3.69 13.64 4.88
C ASP A 44 4.51 14.88 4.52
N VAL A 45 5.14 14.86 3.35
CA VAL A 45 6.00 15.96 2.94
C VAL A 45 5.70 16.49 1.53
N ASN A 46 4.84 15.80 0.80
CA ASN A 46 4.56 16.15 -0.59
C ASN A 46 3.94 17.53 -0.80
N ARG A 47 3.01 17.89 0.08
CA ARG A 47 2.37 19.21 -0.01
C ARG A 47 3.39 20.32 0.26
N ASP A 48 4.39 20.02 1.07
CA ASP A 48 5.47 20.97 1.33
C ASP A 48 6.38 21.07 0.11
N LEU A 49 6.75 19.92 -0.44
CA LEU A 49 7.63 19.85 -1.60
C LEU A 49 7.05 20.58 -2.81
N TYR A 50 5.75 20.42 -3.03
CA TYR A 50 5.09 21.07 -4.15
C TYR A 50 4.81 22.54 -3.90
N ARG A 51 4.83 22.94 -2.62
CA ARG A 51 4.71 24.34 -2.26
C ARG A 51 6.04 25.04 -2.49
N MET A 52 7.12 24.33 -2.20
CA MET A 52 8.46 24.84 -2.43
C MET A 52 8.78 24.88 -3.92
N LYS A 53 8.28 23.91 -4.65
CA LYS A 53 8.47 23.85 -6.09
C LYS A 53 7.78 25.02 -6.79
N SER A 54 6.60 25.37 -6.31
CA SER A 54 5.84 26.49 -6.87
C SER A 54 6.54 27.81 -6.60
N ARG A 55 7.33 27.86 -5.55
CA ARG A 55 8.09 29.06 -5.20
C ARG A 55 9.52 28.97 -5.72
N HIS A 56 9.75 28.03 -6.63
CA HIS A 56 11.05 27.85 -7.29
C HIS A 56 12.18 27.57 -6.30
N LEU A 57 11.86 26.95 -5.18
CA LEU A 57 12.88 26.56 -4.20
C LEU A 57 13.41 25.18 -4.55
N LEU A 58 12.53 24.32 -5.03
CA LEU A 58 12.90 22.96 -5.42
C LEU A 58 12.39 22.62 -6.81
N ASP A 59 12.82 21.46 -7.31
CA ASP A 59 12.35 20.98 -8.60
C ASP A 59 12.41 19.45 -8.60
N MET A 60 11.51 18.81 -9.34
CA MET A 60 11.45 17.36 -9.37
C MET A 60 11.72 16.79 -10.75
N ASP A 61 12.61 15.80 -10.80
CA ASP A 61 12.85 15.05 -12.03
C ASP A 61 11.72 14.05 -12.23
N GLU A 62 10.95 14.22 -13.29
CA GLU A 62 9.76 13.40 -13.53
C GLU A 62 10.08 11.93 -13.76
N GLN A 63 11.31 11.64 -14.17
CA GLN A 63 11.72 10.26 -14.45
C GLN A 63 12.01 9.50 -13.16
N SER A 64 12.81 10.10 -12.28
CA SER A 64 13.24 9.43 -11.06
C SER A 64 12.40 9.81 -9.85
N LYS A 65 11.48 10.76 -10.06
CA LYS A 65 10.63 11.28 -8.99
C LYS A 65 11.45 11.81 -7.81
N ALA A 66 12.62 12.35 -8.13
CA ALA A 66 13.54 12.85 -7.11
C ALA A 66 13.51 14.36 -6.99
N TRP A 67 13.60 14.87 -5.76
CA TRP A 67 13.56 16.30 -5.51
C TRP A 67 14.97 16.84 -5.26
N THR A 68 15.27 17.99 -5.87
CA THR A 68 16.57 18.62 -5.73
C THR A 68 16.44 20.14 -5.65
N ILE A 69 17.45 20.80 -5.12
CA ILE A 69 17.46 22.25 -5.02
C ILE A 69 17.76 22.90 -6.37
N TYR A 70 17.04 23.97 -6.68
CA TYR A 70 17.21 24.66 -7.97
C TYR A 70 17.29 26.16 -7.78
N GLN B 12 13.30 -16.35 22.32
CA GLN B 12 11.95 -16.59 22.83
C GLN B 12 11.64 -15.70 24.02
N GLN B 13 12.64 -14.91 24.44
CA GLN B 13 12.47 -13.99 25.56
C GLN B 13 11.69 -12.76 25.13
N ARG B 14 11.64 -12.53 23.82
CA ARG B 14 10.89 -11.39 23.27
C ARG B 14 9.39 -11.62 23.42
N GLU B 15 8.98 -12.88 23.28
CA GLU B 15 7.57 -13.24 23.43
C GLU B 15 7.08 -12.96 24.84
N GLU B 16 7.99 -13.06 25.80
CA GLU B 16 7.68 -12.75 27.19
C GLU B 16 7.45 -11.25 27.32
N ASP B 17 8.26 -10.46 26.64
CA ASP B 17 8.13 -9.01 26.64
C ASP B 17 6.83 -8.57 25.99
N ILE B 18 6.42 -9.29 24.95
CA ILE B 18 5.16 -9.01 24.26
C ILE B 18 3.99 -9.27 25.19
N TYR B 19 4.05 -10.37 25.93
CA TYR B 19 2.98 -10.76 26.83
C TYR B 19 2.81 -9.76 27.96
N ARG B 20 3.92 -9.20 28.44
CA ARG B 20 3.87 -8.21 29.51
C ARG B 20 3.29 -6.89 29.02
N PHE B 21 3.56 -6.57 27.75
CA PHE B 21 3.08 -5.33 27.17
C PHE B 21 1.56 -5.34 26.99
N LEU B 22 1.04 -6.43 26.44
CA LEU B 22 -0.40 -6.57 26.22
C LEU B 22 -1.14 -6.75 27.54
N LYS B 23 -0.42 -7.17 28.57
CA LYS B 23 -1.01 -7.39 29.88
C LYS B 23 -1.22 -6.08 30.63
N ASP B 24 -0.31 -5.13 30.41
CA ASP B 24 -0.35 -3.86 31.11
C ASP B 24 -1.02 -2.75 30.30
N ASN B 25 -0.99 -2.88 28.98
CA ASN B 25 -1.55 -1.84 28.11
C ASN B 25 -2.81 -2.28 27.37
N GLY B 26 -3.20 -3.53 27.55
CA GLY B 26 -4.39 -4.05 26.92
C GLY B 26 -4.19 -4.36 25.45
N PRO B 27 -5.30 -4.55 24.71
CA PRO B 27 -5.28 -4.87 23.27
C PRO B 27 -4.57 -3.81 22.45
N GLN B 28 -3.56 -4.23 21.68
CA GLN B 28 -2.81 -3.32 20.83
C GLN B 28 -2.57 -3.93 19.45
N ARG B 29 -2.31 -3.08 18.46
CA ARG B 29 -2.00 -3.54 17.12
C ARG B 29 -0.51 -3.83 17.01
N ALA B 30 -0.13 -4.60 15.97
CA ALA B 30 1.25 -5.09 15.82
C ALA B 30 2.28 -3.97 15.77
N LEU B 31 1.92 -2.84 15.15
CA LEU B 31 2.84 -1.71 15.04
C LEU B 31 3.16 -1.10 16.40
N VAL B 32 2.15 -1.00 17.25
CA VAL B 32 2.33 -0.46 18.60
C VAL B 32 3.22 -1.38 19.44
N ILE B 33 2.99 -2.68 19.29
CA ILE B 33 3.78 -3.68 20.02
C ILE B 33 5.24 -3.64 19.60
N ALA B 34 5.48 -3.50 18.30
CA ALA B 34 6.84 -3.48 17.76
C ALA B 34 7.61 -2.26 18.25
N GLN B 35 7.00 -1.08 18.12
CA GLN B 35 7.63 0.17 18.51
C GLN B 35 7.89 0.23 20.01
N ALA B 36 7.08 -0.50 20.78
CA ALA B 36 7.24 -0.55 22.22
C ALA B 36 8.45 -1.39 22.60
N LEU B 37 8.88 -2.24 21.67
CA LEU B 37 10.02 -3.12 21.92
C LEU B 37 11.28 -2.63 21.19
N GLY B 38 11.19 -1.44 20.61
CA GLY B 38 12.33 -0.84 19.96
C GLY B 38 12.39 -1.09 18.47
N MET B 39 11.47 -1.91 17.96
CA MET B 39 11.42 -2.21 16.53
C MET B 39 10.83 -1.05 15.74
N ARG B 40 10.64 -1.25 14.44
CA ARG B 40 10.17 -0.18 13.56
C ARG B 40 8.86 -0.54 12.85
N THR B 41 8.77 -1.78 12.35
CA THR B 41 7.61 -2.20 11.59
C THR B 41 6.88 -3.37 12.24
N ALA B 42 5.63 -3.57 11.83
CA ALA B 42 4.81 -4.66 12.37
C ALA B 42 5.34 -6.02 11.94
N LYS B 43 6.04 -6.04 10.81
CA LYS B 43 6.63 -7.27 10.29
C LYS B 43 7.70 -7.82 11.21
N ASP B 44 8.27 -6.95 12.03
CA ASP B 44 9.34 -7.33 12.94
C ASP B 44 8.83 -8.16 14.12
N VAL B 45 7.53 -8.13 14.36
CA VAL B 45 6.95 -8.85 15.49
C VAL B 45 5.78 -9.76 15.09
N ASN B 46 5.38 -9.69 13.83
CA ASN B 46 4.24 -10.48 13.36
C ASN B 46 4.46 -11.99 13.44
N ARG B 47 5.68 -12.43 13.18
CA ARG B 47 5.99 -13.85 13.25
C ARG B 47 5.93 -14.37 14.68
N ASP B 48 6.30 -13.52 15.64
CA ASP B 48 6.24 -13.88 17.04
C ASP B 48 4.79 -13.91 17.54
N LEU B 49 4.00 -12.93 17.09
CA LEU B 49 2.60 -12.83 17.50
C LEU B 49 1.78 -14.04 17.06
N TYR B 50 1.96 -14.45 15.81
CA TYR B 50 1.24 -15.62 15.29
C TYR B 50 1.81 -16.91 15.86
N ARG B 51 3.05 -16.86 16.33
CA ARG B 51 3.65 -18.02 16.99
C ARG B 51 3.01 -18.22 18.36
N MET B 52 2.72 -17.12 19.04
CA MET B 52 2.06 -17.16 20.34
C MET B 52 0.57 -17.46 20.16
N LYS B 53 0.03 -17.11 19.01
CA LYS B 53 -1.37 -17.37 18.70
C LYS B 53 -1.61 -18.87 18.52
N SER B 54 -0.67 -19.55 17.87
CA SER B 54 -0.77 -20.98 17.64
C SER B 54 -0.68 -21.76 18.94
N ARG B 55 -0.05 -21.15 19.94
CA ARG B 55 0.09 -21.78 21.25
C ARG B 55 -0.98 -21.26 22.21
N HIS B 56 -1.98 -20.58 21.65
CA HIS B 56 -3.14 -20.08 22.39
C HIS B 56 -2.77 -19.16 23.54
N LEU B 57 -1.71 -18.38 23.34
CA LEU B 57 -1.31 -17.38 24.32
C LEU B 57 -1.98 -16.05 24.01
N LEU B 58 -2.03 -15.70 22.72
CA LEU B 58 -2.65 -14.46 22.28
C LEU B 58 -3.75 -14.75 21.26
N ASP B 59 -4.44 -13.69 20.85
CA ASP B 59 -5.46 -13.79 19.81
C ASP B 59 -5.67 -12.41 19.19
N MET B 60 -6.13 -12.40 17.93
CA MET B 60 -6.31 -11.14 17.22
C MET B 60 -7.76 -10.92 16.78
N ASP B 61 -8.32 -9.78 17.15
CA ASP B 61 -9.64 -9.40 16.68
C ASP B 61 -9.57 -9.04 15.20
N GLU B 62 -10.29 -9.78 14.38
CA GLU B 62 -10.22 -9.64 12.93
C GLU B 62 -10.69 -8.28 12.42
N GLN B 63 -11.45 -7.56 13.23
CA GLN B 63 -11.97 -6.26 12.85
C GLN B 63 -10.98 -5.13 13.15
N SER B 64 -10.40 -5.15 14.35
CA SER B 64 -9.48 -4.10 14.77
C SER B 64 -8.03 -4.46 14.52
N LYS B 65 -7.78 -5.73 14.19
CA LYS B 65 -6.43 -6.25 13.98
C LYS B 65 -5.54 -6.04 15.19
N ALA B 66 -6.14 -6.01 16.38
CA ALA B 66 -5.41 -5.79 17.61
C ALA B 66 -5.17 -7.11 18.35
N TRP B 67 -4.01 -7.25 18.97
CA TRP B 67 -3.66 -8.46 19.70
C TRP B 67 -3.94 -8.32 21.19
N THR B 68 -4.60 -9.32 21.76
CA THR B 68 -4.89 -9.33 23.18
C THR B 68 -4.60 -10.70 23.79
N ILE B 69 -4.36 -10.74 25.09
CA ILE B 69 -4.08 -11.99 25.78
C ILE B 69 -5.36 -12.81 25.95
N TYR B 70 -5.25 -14.12 25.78
CA TYR B 70 -6.40 -15.02 25.90
C TYR B 70 -6.13 -16.12 26.91
N SER C 11 -19.56 -6.39 2.07
CA SER C 11 -18.94 -6.98 3.25
C SER C 11 -19.12 -6.10 4.48
N GLN C 12 -18.70 -4.86 4.38
CA GLN C 12 -18.77 -3.92 5.49
C GLN C 12 -20.12 -3.20 5.55
N GLN C 13 -21.16 -3.86 5.04
CA GLN C 13 -22.53 -3.33 5.05
C GLN C 13 -22.71 -2.03 4.26
N ARG C 14 -21.74 -1.13 4.38
CA ARG C 14 -21.75 0.12 3.63
C ARG C 14 -21.73 -0.14 2.12
N GLU C 15 -21.01 -1.17 1.71
CA GLU C 15 -20.94 -1.56 0.31
C GLU C 15 -22.31 -1.97 -0.22
N GLU C 16 -23.11 -2.60 0.65
CA GLU C 16 -24.46 -2.98 0.30
C GLU C 16 -25.33 -1.73 0.15
N ASP C 17 -25.02 -0.71 0.95
CA ASP C 17 -25.76 0.55 0.90
C ASP C 17 -25.38 1.36 -0.34
N ILE C 18 -24.13 1.28 -0.74
CA ILE C 18 -23.66 1.93 -1.96
C ILE C 18 -24.33 1.29 -3.17
N TYR C 19 -24.45 -0.04 -3.13
CA TYR C 19 -25.06 -0.79 -4.21
C TYR C 19 -26.52 -0.40 -4.40
N ARG C 20 -27.26 -0.28 -3.30
CA ARG C 20 -28.67 0.07 -3.34
C ARG C 20 -28.89 1.48 -3.90
N PHE C 21 -27.97 2.39 -3.57
CA PHE C 21 -28.07 3.77 -4.04
C PHE C 21 -27.84 3.87 -5.54
N LEU C 22 -26.82 3.18 -6.03
CA LEU C 22 -26.52 3.16 -7.46
C LEU C 22 -27.58 2.40 -8.23
N LYS C 23 -28.20 1.43 -7.58
CA LYS C 23 -29.23 0.62 -8.20
C LYS C 23 -30.50 1.42 -8.42
N ASP C 24 -30.83 2.29 -7.47
CA ASP C 24 -32.07 3.05 -7.51
C ASP C 24 -31.91 4.43 -8.17
N ASN C 25 -30.72 5.01 -8.07
CA ASN C 25 -30.48 6.35 -8.59
C ASN C 25 -29.63 6.39 -9.86
N GLY C 26 -29.13 5.23 -10.28
CA GLY C 26 -28.31 5.15 -11.47
C GLY C 26 -26.87 5.52 -11.22
N PRO C 27 -26.07 5.61 -12.28
CA PRO C 27 -24.65 5.97 -12.20
C PRO C 27 -24.43 7.33 -11.53
N GLN C 28 -23.61 7.35 -10.48
CA GLN C 28 -23.35 8.58 -9.74
C GLN C 28 -21.86 8.75 -9.45
N ARG C 29 -21.43 10.00 -9.31
CA ARG C 29 -20.05 10.30 -8.95
C ARG C 29 -19.85 9.99 -7.46
N ALA C 30 -18.60 9.88 -7.04
CA ALA C 30 -18.27 9.47 -5.68
C ALA C 30 -18.79 10.45 -4.62
N LEU C 31 -18.78 11.74 -4.95
CA LEU C 31 -19.22 12.77 -4.01
C LEU C 31 -20.70 12.63 -3.68
N VAL C 32 -21.51 12.35 -4.70
CA VAL C 32 -22.95 12.18 -4.52
C VAL C 32 -23.25 10.96 -3.66
N ILE C 33 -22.55 9.87 -3.92
CA ILE C 33 -22.72 8.63 -3.18
C ILE C 33 -22.43 8.83 -1.68
N ALA C 34 -21.36 9.56 -1.41
CA ALA C 34 -20.95 9.83 -0.03
C ALA C 34 -21.96 10.68 0.73
N GLN C 35 -22.40 11.76 0.09
CA GLN C 35 -23.38 12.66 0.69
C GLN C 35 -24.73 11.98 0.88
N ALA C 36 -25.01 10.98 0.03
CA ALA C 36 -26.25 10.23 0.13
C ALA C 36 -26.23 9.32 1.35
N LEU C 37 -25.04 8.92 1.77
CA LEU C 37 -24.90 8.03 2.92
C LEU C 37 -24.56 8.80 4.18
N GLY C 38 -24.65 10.12 4.12
CA GLY C 38 -24.45 10.96 5.29
C GLY C 38 -23.08 11.60 5.42
N MET C 39 -22.11 11.06 4.68
CA MET C 39 -20.74 11.57 4.74
C MET C 39 -20.56 12.86 3.95
N ARG C 40 -19.32 13.32 3.86
CA ARG C 40 -19.05 14.65 3.28
C ARG C 40 -18.30 14.62 1.95
N THR C 41 -17.18 13.93 1.91
CA THR C 41 -16.33 13.94 0.72
C THR C 41 -16.24 12.58 0.03
N ALA C 42 -15.74 12.59 -1.20
CA ALA C 42 -15.58 11.37 -1.98
C ALA C 42 -14.54 10.43 -1.36
N LYS C 43 -13.62 11.01 -0.60
CA LYS C 43 -12.57 10.26 0.08
C LYS C 43 -13.16 9.30 1.12
N ASP C 44 -14.39 9.56 1.54
CA ASP C 44 -15.06 8.76 2.55
C ASP C 44 -15.60 7.44 2.01
N VAL C 45 -15.71 7.34 0.69
CA VAL C 45 -16.29 6.14 0.08
C VAL C 45 -15.39 5.51 -0.99
N ASN C 46 -14.34 6.21 -1.38
CA ASN C 46 -13.45 5.73 -2.44
C ASN C 46 -12.76 4.41 -2.14
N ARG C 47 -12.52 4.16 -0.85
CA ARG C 47 -11.91 2.90 -0.44
C ARG C 47 -12.85 1.73 -0.74
N ASP C 48 -14.13 1.93 -0.48
CA ASP C 48 -15.13 0.90 -0.70
C ASP C 48 -15.39 0.69 -2.19
N LEU C 49 -15.49 1.80 -2.93
CA LEU C 49 -15.79 1.76 -4.35
C LEU C 49 -14.80 0.91 -5.15
N TYR C 50 -13.51 1.19 -4.98
CA TYR C 50 -12.47 0.45 -5.69
C TYR C 50 -12.33 -0.98 -5.17
N ARG C 51 -12.75 -1.19 -3.93
CA ARG C 51 -12.76 -2.53 -3.35
C ARG C 51 -13.87 -3.36 -3.98
N MET C 52 -14.96 -2.70 -4.33
CA MET C 52 -16.07 -3.35 -5.02
C MET C 52 -15.77 -3.50 -6.51
N LYS C 53 -14.94 -2.59 -7.03
CA LYS C 53 -14.55 -2.64 -8.44
C LYS C 53 -13.65 -3.84 -8.72
N SER C 54 -12.72 -4.11 -7.80
CA SER C 54 -11.80 -5.22 -7.94
C SER C 54 -12.53 -6.56 -7.86
N ARG C 55 -13.71 -6.55 -7.23
CA ARG C 55 -14.55 -7.74 -7.13
C ARG C 55 -15.60 -7.74 -8.24
N HIS C 56 -15.43 -6.83 -9.19
CA HIS C 56 -16.31 -6.72 -10.36
C HIS C 56 -17.78 -6.44 -9.99
N LEU C 57 -17.98 -5.78 -8.85
CA LEU C 57 -19.32 -5.37 -8.43
C LEU C 57 -19.72 -4.07 -9.11
N LEU C 58 -18.79 -3.11 -9.13
CA LEU C 58 -19.04 -1.81 -9.74
C LEU C 58 -18.03 -1.52 -10.85
N ASP C 59 -18.23 -0.40 -11.52
CA ASP C 59 -17.31 0.06 -12.55
C ASP C 59 -17.46 1.56 -12.75
N MET C 60 -16.36 2.25 -12.99
CA MET C 60 -16.39 3.70 -13.13
C MET C 60 -16.12 4.15 -14.57
N ASP C 61 -16.99 5.00 -15.08
CA ASP C 61 -16.81 5.60 -16.40
C ASP C 61 -15.73 6.67 -16.34
N GLU C 62 -14.58 6.40 -16.94
CA GLU C 62 -13.43 7.29 -16.86
C GLU C 62 -13.70 8.70 -17.41
N GLN C 63 -14.72 8.83 -18.24
CA GLN C 63 -15.05 10.12 -18.84
C GLN C 63 -15.88 10.98 -17.89
N SER C 64 -16.87 10.37 -17.23
CA SER C 64 -17.78 11.09 -16.36
C SER C 64 -17.49 10.84 -14.88
N LYS C 65 -16.55 9.94 -14.61
CA LYS C 65 -16.16 9.58 -13.24
C LYS C 65 -17.33 9.04 -12.42
N ALA C 66 -18.37 8.57 -13.09
CA ALA C 66 -19.56 8.07 -12.42
C ALA C 66 -19.49 6.56 -12.21
N TRP C 67 -19.84 6.11 -11.01
CA TRP C 67 -19.83 4.69 -10.67
C TRP C 67 -21.17 4.03 -10.98
N THR C 68 -21.13 2.87 -11.62
CA THR C 68 -22.34 2.14 -11.97
C THR C 68 -22.23 0.67 -11.61
N ILE C 69 -23.36 -0.01 -11.54
CA ILE C 69 -23.38 -1.45 -11.28
C ILE C 69 -22.98 -2.23 -12.54
N TYR C 70 -22.00 -3.11 -12.38
CA TYR C 70 -21.44 -3.84 -13.52
C TYR C 70 -21.67 -5.34 -13.38
N GLN D 12 12.39 -1.51 -14.27
CA GLN D 12 13.74 -1.44 -14.81
C GLN D 12 13.82 -2.15 -16.15
N GLN D 13 14.98 -2.73 -16.45
CA GLN D 13 15.18 -3.49 -17.67
C GLN D 13 14.92 -4.97 -17.41
N ARG D 14 14.80 -5.33 -16.14
CA ARG D 14 14.52 -6.70 -15.75
C ARG D 14 13.13 -7.12 -16.18
N GLU D 15 12.24 -6.14 -16.29
CA GLU D 15 10.87 -6.39 -16.75
C GLU D 15 10.88 -6.89 -18.19
N GLU D 16 11.83 -6.40 -18.98
CA GLU D 16 12.00 -6.84 -20.37
C GLU D 16 12.50 -8.27 -20.42
N ASP D 17 13.45 -8.59 -19.53
CA ASP D 17 14.01 -9.93 -19.45
C ASP D 17 12.94 -10.94 -19.05
N ILE D 18 12.02 -10.51 -18.19
CA ILE D 18 10.90 -11.35 -17.77
C ILE D 18 9.97 -11.60 -18.94
N TYR D 19 9.69 -10.56 -19.71
CA TYR D 19 8.78 -10.65 -20.84
C TYR D 19 9.30 -11.60 -21.91
N ARG D 20 10.61 -11.61 -22.11
CA ARG D 20 11.22 -12.48 -23.10
C ARG D 20 11.15 -13.95 -22.70
N PHE D 21 11.33 -14.21 -21.41
CA PHE D 21 11.27 -15.58 -20.89
C PHE D 21 9.88 -16.17 -21.04
N LEU D 22 8.86 -15.41 -20.63
CA LEU D 22 7.49 -15.88 -20.70
C LEU D 22 6.98 -15.98 -22.14
N LYS D 23 7.64 -15.27 -23.05
CA LYS D 23 7.26 -15.29 -24.46
C LYS D 23 7.80 -16.55 -25.14
N ASP D 24 8.99 -16.97 -24.74
CA ASP D 24 9.65 -18.10 -25.39
C ASP D 24 9.46 -19.41 -24.63
N ASN D 25 9.04 -19.33 -23.37
CA ASN D 25 8.85 -20.51 -22.56
C ASN D 25 7.42 -20.68 -22.05
N GLY D 26 6.52 -19.82 -22.52
CA GLY D 26 5.12 -19.90 -22.17
C GLY D 26 4.85 -19.61 -20.70
N PRO D 27 3.63 -19.94 -20.24
CA PRO D 27 3.19 -19.71 -18.87
C PRO D 27 4.08 -20.41 -17.84
N GLN D 28 4.64 -19.64 -16.90
CA GLN D 28 5.47 -20.18 -15.84
C GLN D 28 5.13 -19.53 -14.51
N ARG D 29 5.52 -20.19 -13.42
CA ARG D 29 5.31 -19.65 -12.08
C ARG D 29 6.46 -18.75 -11.69
N ALA D 30 6.24 -17.92 -10.67
CA ALA D 30 7.22 -16.89 -10.28
C ALA D 30 8.58 -17.44 -9.90
N LEU D 31 8.60 -18.62 -9.30
CA LEU D 31 9.86 -19.23 -8.86
C LEU D 31 10.73 -19.62 -10.05
N VAL D 32 10.11 -20.17 -11.08
CA VAL D 32 10.82 -20.58 -12.29
C VAL D 32 11.41 -19.37 -13.00
N ILE D 33 10.62 -18.31 -13.11
CA ILE D 33 11.04 -17.08 -13.76
C ILE D 33 12.25 -16.46 -13.05
N ALA D 34 12.20 -16.45 -11.72
CA ALA D 34 13.27 -15.87 -10.92
C ALA D 34 14.58 -16.66 -11.06
N GLN D 35 14.47 -17.98 -10.98
CA GLN D 35 15.64 -18.85 -11.07
C GLN D 35 16.27 -18.82 -12.47
N ALA D 36 15.45 -18.53 -13.47
CA ALA D 36 15.94 -18.46 -14.84
C ALA D 36 16.74 -17.18 -15.08
N LEU D 37 16.48 -16.18 -14.25
CA LEU D 37 17.17 -14.89 -14.37
C LEU D 37 18.33 -14.78 -13.39
N GLY D 38 18.66 -15.90 -12.73
CA GLY D 38 19.79 -15.94 -11.83
C GLY D 38 19.41 -15.69 -10.38
N MET D 39 18.16 -15.34 -10.14
CA MET D 39 17.68 -15.07 -8.79
C MET D 39 17.33 -16.36 -8.05
N ARG D 40 16.85 -16.23 -6.82
CA ARG D 40 16.64 -17.40 -5.97
C ARG D 40 15.18 -17.68 -5.63
N THR D 41 14.47 -16.67 -5.13
CA THR D 41 13.09 -16.85 -4.70
C THR D 41 12.09 -16.08 -5.54
N ALA D 42 10.82 -16.43 -5.41
CA ALA D 42 9.75 -15.78 -6.14
C ALA D 42 9.53 -14.34 -5.67
N LYS D 43 9.98 -14.06 -4.45
CA LYS D 43 9.86 -12.73 -3.86
C LYS D 43 10.72 -11.72 -4.62
N ASP D 44 11.70 -12.23 -5.36
CA ASP D 44 12.63 -11.38 -6.09
C ASP D 44 12.03 -10.83 -7.39
N VAL D 45 10.93 -11.41 -7.84
CA VAL D 45 10.32 -11.00 -9.09
C VAL D 45 8.83 -10.65 -8.96
N ASN D 46 8.24 -10.99 -7.81
CA ASN D 46 6.81 -10.77 -7.60
C ASN D 46 6.37 -9.31 -7.67
N ARG D 47 7.24 -8.41 -7.24
CA ARG D 47 6.94 -6.98 -7.29
C ARG D 47 6.91 -6.48 -8.74
N ASP D 48 7.68 -7.13 -9.60
CA ASP D 48 7.74 -6.77 -11.01
C ASP D 48 6.57 -7.34 -11.78
N LEU D 49 6.23 -8.59 -11.49
CA LEU D 49 5.17 -9.31 -12.19
C LEU D 49 3.81 -8.62 -12.07
N TYR D 50 3.47 -8.19 -10.86
CA TYR D 50 2.21 -7.51 -10.63
C TYR D 50 2.22 -6.08 -11.17
N ARG D 51 3.40 -5.47 -11.17
CA ARG D 51 3.57 -4.13 -11.73
C ARG D 51 3.38 -4.17 -13.23
N MET D 52 3.78 -5.28 -13.84
CA MET D 52 3.57 -5.50 -15.27
C MET D 52 2.15 -5.98 -15.53
N LYS D 53 1.50 -6.48 -14.48
CA LYS D 53 0.11 -6.93 -14.58
C LYS D 53 -0.84 -5.74 -14.48
N SER D 54 -0.40 -4.70 -13.77
CA SER D 54 -1.19 -3.49 -13.63
C SER D 54 -1.03 -2.58 -14.84
N ARG D 55 -0.15 -2.98 -15.76
CA ARG D 55 0.05 -2.25 -17.01
C ARG D 55 -0.40 -3.10 -18.19
N HIS D 56 -1.13 -4.17 -17.89
CA HIS D 56 -1.68 -5.06 -18.90
C HIS D 56 -0.63 -5.68 -19.81
N LEU D 57 0.56 -5.93 -19.25
CA LEU D 57 1.62 -6.60 -20.00
C LEU D 57 1.55 -8.10 -19.76
N LEU D 58 1.24 -8.48 -18.53
CA LEU D 58 1.14 -9.89 -18.16
C LEU D 58 -0.20 -10.19 -17.48
N ASP D 59 -0.43 -11.46 -17.20
CA ASP D 59 -1.62 -11.88 -16.46
C ASP D 59 -1.38 -13.25 -15.85
N MET D 60 -1.96 -13.49 -14.68
CA MET D 60 -1.72 -14.73 -13.94
C MET D 60 -2.96 -15.60 -13.82
N ASP D 61 -2.81 -16.87 -14.17
CA ASP D 61 -3.86 -17.86 -13.96
C ASP D 61 -3.98 -18.16 -12.48
N GLU D 62 -5.09 -17.75 -11.87
CA GLU D 62 -5.27 -17.85 -10.43
C GLU D 62 -5.35 -19.29 -9.93
N GLN D 63 -5.54 -20.24 -10.85
CA GLN D 63 -5.64 -21.65 -10.48
C GLN D 63 -4.27 -22.30 -10.38
N SER D 64 -3.41 -22.04 -11.37
CA SER D 64 -2.09 -22.64 -11.42
C SER D 64 -0.98 -21.68 -10.97
N LYS D 65 -1.37 -20.45 -10.66
CA LYS D 65 -0.44 -19.42 -10.22
C LYS D 65 0.67 -19.15 -11.23
N ALA D 66 0.37 -19.35 -12.51
CA ALA D 66 1.35 -19.19 -13.57
C ALA D 66 1.18 -17.85 -14.31
N TRP D 67 2.29 -17.23 -14.67
CA TRP D 67 2.26 -15.96 -15.36
C TRP D 67 2.43 -16.12 -16.87
N THR D 68 1.58 -15.44 -17.63
CA THR D 68 1.63 -15.51 -19.09
C THR D 68 1.42 -14.13 -19.71
N ILE D 69 1.90 -13.96 -20.94
CA ILE D 69 1.72 -12.70 -21.66
C ILE D 69 0.29 -12.56 -22.17
N TYR D 70 -0.31 -11.40 -21.91
CA TYR D 70 -1.69 -11.16 -22.33
C TYR D 70 -1.76 -10.09 -23.41
#